data_3DGY
#
_entry.id   3DGY
#
_cell.length_a   101.489
_cell.length_b   67.313
_cell.length_c   57.234
_cell.angle_alpha   90.00
_cell.angle_beta   100.63
_cell.angle_gamma   90.00
#
_symmetry.space_group_name_H-M   'C 1 2 1'
#
loop_
_entity.id
_entity.type
_entity.pdbx_description
1 polymer Ribonuclease
2 non-polymer beta-D-glucopyranose
3 non-polymer 'SULFATE ION'
4 non-polymer "GUANOSINE-2'-MONOPHOSPHATE"
5 water water
#
_entity_poly.entity_id   1
_entity_poly.type   'polypeptide(L)'
_entity_poly.pdbx_seq_one_letter_code
;ADPALADVCRTKLPSQAQDTLALIAKNGPYPYNRDGVVFENRESRLPKKGNGYYHEFTVVTPGSNDRGTRRVVTGGYGEQ
YWSPDHYATFQEIDPRC
;
_entity_poly.pdbx_strand_id   A,B,C
#
# COMPACT_ATOMS: atom_id res chain seq x y z
N ALA A 4 25.17 10.44 -15.89
CA ALA A 4 25.46 11.70 -15.16
C ALA A 4 25.07 11.62 -13.65
N LEU A 5 25.57 10.60 -12.96
CA LEU A 5 25.67 10.59 -11.47
C LEU A 5 27.10 11.01 -11.09
N ALA A 6 27.24 11.71 -9.95
CA ALA A 6 28.58 12.11 -9.48
C ALA A 6 29.35 10.87 -8.97
N ASP A 7 30.67 10.88 -9.13
CA ASP A 7 31.53 9.81 -8.57
C ASP A 7 32.06 10.25 -7.22
N VAL A 8 32.34 9.25 -6.38
CA VAL A 8 33.04 9.44 -5.13
C VAL A 8 34.05 8.30 -5.01
N CYS A 9 35.27 8.64 -4.60
CA CYS A 9 36.30 7.64 -4.37
C CYS A 9 35.93 6.79 -3.18
N ARG A 10 36.09 5.48 -3.30
CA ARG A 10 35.81 4.60 -2.16
C ARG A 10 36.56 5.03 -0.90
N THR A 11 37.82 5.43 -1.04
CA THR A 11 38.63 5.77 0.14
C THR A 11 38.22 7.07 0.83
N LYS A 12 37.40 7.86 0.15
CA LYS A 12 36.92 9.13 0.67
C LYS A 12 35.57 9.01 1.40
N LEU A 13 34.92 7.85 1.27
CA LEU A 13 33.68 7.59 1.98
C LEU A 13 33.91 7.47 3.49
N PRO A 14 32.88 7.76 4.29
CA PRO A 14 32.92 7.50 5.71
C PRO A 14 33.41 6.08 5.98
N SER A 15 34.13 5.91 7.09
CA SER A 15 34.66 4.61 7.47
C SER A 15 33.56 3.56 7.49
N GLN A 16 32.39 3.95 7.99
CA GLN A 16 31.26 3.02 8.11
C GLN A 16 30.77 2.59 6.74
N ALA A 17 30.81 3.48 5.76
CA ALA A 17 30.41 3.11 4.40
C ALA A 17 31.37 2.06 3.85
N GLN A 18 32.66 2.25 4.10
CA GLN A 18 33.67 1.33 3.62
C GLN A 18 33.47 -0.01 4.33
N ASP A 19 33.16 0.03 5.62
CA ASP A 19 32.81 -1.19 6.36
C ASP A 19 31.71 -1.99 5.67
N THR A 20 30.64 -1.30 5.28
CA THR A 20 29.52 -1.93 4.59
C THR A 20 29.96 -2.55 3.26
N LEU A 21 30.77 -1.84 2.48
CA LEU A 21 31.28 -2.41 1.22
C LEU A 21 32.06 -3.73 1.49
N ALA A 22 32.83 -3.75 2.59
CA ALA A 22 33.62 -4.93 2.95
C ALA A 22 32.69 -6.08 3.36
N LEU A 23 31.62 -5.79 4.08
CA LEU A 23 30.65 -6.84 4.48
C LEU A 23 29.90 -7.39 3.31
N ILE A 24 29.52 -6.52 2.37
CA ILE A 24 28.88 -6.96 1.13
C ILE A 24 29.78 -7.94 0.40
N ALA A 25 31.07 -7.61 0.32
CA ALA A 25 32.04 -8.47 -0.38
C ALA A 25 32.18 -9.82 0.29
N LYS A 26 32.01 -9.83 1.61
CA LYS A 26 32.04 -11.06 2.42
C LYS A 26 30.69 -11.79 2.53
N ASN A 27 29.63 -11.23 1.95
CA ASN A 27 28.27 -11.73 2.10
C ASN A 27 27.83 -11.79 3.57
N GLY A 28 28.17 -10.75 4.31
CA GLY A 28 27.76 -10.68 5.70
C GLY A 28 28.55 -11.62 6.60
N PRO A 29 27.96 -12.05 7.74
CA PRO A 29 26.65 -11.66 8.27
C PRO A 29 26.46 -10.16 8.52
N TYR A 30 25.25 -9.67 8.24
CA TYR A 30 24.92 -8.26 8.33
C TYR A 30 24.29 -7.84 9.66
N PRO A 31 24.50 -6.57 10.07
CA PRO A 31 23.98 -6.09 11.35
C PRO A 31 22.45 -5.89 11.43
N TYR A 32 21.79 -5.66 10.30
CA TYR A 32 20.35 -5.39 10.28
C TYR A 32 19.57 -6.43 9.50
N ASN A 33 18.35 -6.73 9.96
CA ASN A 33 17.46 -7.63 9.24
C ASN A 33 17.11 -7.17 7.83
N ARG A 34 16.97 -5.86 7.61
CA ARG A 34 16.66 -5.35 6.25
C ARG A 34 17.88 -5.19 5.33
N ASP A 35 19.08 -5.54 5.81
CA ASP A 35 20.24 -5.53 4.92
C ASP A 35 20.05 -6.58 3.83
N GLY A 36 20.22 -6.16 2.59
CA GLY A 36 20.06 -7.04 1.42
C GLY A 36 18.68 -7.03 0.74
N VAL A 37 17.75 -6.24 1.25
CA VAL A 37 16.43 -6.16 0.64
C VAL A 37 16.55 -5.44 -0.71
N VAL A 38 15.70 -5.85 -1.66
CA VAL A 38 15.64 -5.15 -2.96
C VAL A 38 15.39 -3.64 -2.80
N PHE A 39 16.09 -2.86 -3.63
CA PHE A 39 15.82 -1.46 -3.82
C PHE A 39 15.20 -1.30 -5.21
N GLU A 40 13.99 -0.74 -5.28
CA GLU A 40 13.21 -0.72 -6.53
C GLU A 40 13.51 0.47 -7.46
N ASN A 41 14.27 1.44 -6.99
CA ASN A 41 14.70 2.56 -7.85
C ASN A 41 13.51 3.31 -8.44
N ARG A 42 12.49 3.53 -7.63
CA ARG A 42 11.23 4.06 -8.16
C ARG A 42 11.34 5.47 -8.73
N GLU A 43 12.32 6.23 -8.25
CA GLU A 43 12.54 7.59 -8.77
C GLU A 43 13.51 7.65 -9.95
N SER A 44 13.94 6.49 -10.43
CA SER A 44 14.88 6.38 -11.55
C SER A 44 16.15 7.23 -11.35
N ARG A 45 16.61 7.35 -10.10
CA ARG A 45 17.82 8.06 -9.78
C ARG A 45 19.05 7.25 -10.15
N LEU A 46 18.93 5.92 -10.09
CA LEU A 46 19.93 5.02 -10.64
C LEU A 46 19.53 4.59 -12.05
N PRO A 47 20.50 4.09 -12.86
CA PRO A 47 20.13 3.56 -14.17
C PRO A 47 18.94 2.59 -14.13
N LYS A 48 17.97 2.79 -15.04
CA LYS A 48 16.80 1.89 -15.08
C LYS A 48 17.18 0.50 -15.57
N LYS A 49 16.79 -0.49 -14.76
CA LYS A 49 17.08 -1.91 -14.94
C LYS A 49 15.84 -2.72 -14.61
N GLY A 50 15.92 -4.05 -14.72
CA GLY A 50 14.78 -4.90 -14.46
C GLY A 50 14.55 -5.09 -12.98
N ASN A 51 13.46 -5.76 -12.66
CA ASN A 51 13.10 -5.93 -11.27
C ASN A 51 14.17 -6.75 -10.55
N GLY A 52 14.48 -6.37 -9.32
CA GLY A 52 15.42 -7.10 -8.47
C GLY A 52 16.90 -6.84 -8.76
N TYR A 53 17.19 -5.86 -9.62
CA TYR A 53 18.56 -5.54 -10.06
C TYR A 53 19.40 -4.98 -8.91
N TYR A 54 18.76 -4.16 -8.07
CA TYR A 54 19.41 -3.41 -6.97
C TYR A 54 19.02 -3.91 -5.57
N HIS A 55 19.97 -3.85 -4.65
CA HIS A 55 19.73 -4.21 -3.26
C HIS A 55 20.39 -3.15 -2.36
N GLU A 56 19.83 -2.96 -1.16
CA GLU A 56 20.30 -1.94 -0.23
C GLU A 56 20.87 -2.54 1.03
N PHE A 57 21.88 -1.86 1.58
CA PHE A 57 22.54 -2.25 2.84
C PHE A 57 22.78 -1.02 3.70
N THR A 58 22.54 -1.17 5.00
CA THR A 58 22.69 -0.08 5.95
C THR A 58 24.15 0.27 6.15
N VAL A 59 24.43 1.56 6.14
CA VAL A 59 25.73 2.10 6.61
C VAL A 59 25.49 2.63 8.04
N VAL A 60 26.15 2.02 9.02
CA VAL A 60 25.88 2.31 10.42
C VAL A 60 26.13 3.78 10.72
N THR A 61 25.23 4.34 11.52
CA THR A 61 25.38 5.68 12.07
C THR A 61 25.43 5.55 13.59
N PRO A 62 26.56 5.97 14.19
CA PRO A 62 26.66 6.08 15.66
C PRO A 62 25.52 6.89 16.25
N GLY A 63 24.97 6.43 17.38
CA GLY A 63 23.88 7.14 18.09
C GLY A 63 22.51 7.01 17.43
N ASP A 66 18.77 4.51 16.58
CA ASP A 66 18.05 4.33 15.32
C ASP A 66 19.00 3.82 14.22
N ARG A 67 18.43 3.13 13.23
CA ARG A 67 19.18 2.59 12.11
C ARG A 67 19.81 3.70 11.24
N GLY A 68 19.10 4.80 11.09
CA GLY A 68 19.62 5.99 10.42
C GLY A 68 19.37 5.94 8.92
N THR A 69 19.86 6.94 8.19
CA THR A 69 19.50 7.09 6.78
C THR A 69 20.59 6.67 5.77
N ARG A 70 21.74 6.24 6.24
CA ARG A 70 22.87 6.05 5.33
C ARG A 70 22.86 4.65 4.73
N ARG A 71 23.15 4.58 3.44
CA ARG A 71 23.00 3.31 2.70
C ARG A 71 24.05 3.10 1.60
N VAL A 72 24.37 1.84 1.33
CA VAL A 72 24.96 1.47 0.01
C VAL A 72 23.91 0.72 -0.78
N VAL A 73 23.80 1.05 -2.07
CA VAL A 73 23.04 0.24 -3.03
C VAL A 73 23.98 -0.45 -4.03
N THR A 74 23.75 -1.74 -4.22
CA THR A 74 24.52 -2.57 -5.14
C THR A 74 23.65 -2.85 -6.38
N GLY A 75 24.33 -2.98 -7.52
CA GLY A 75 23.75 -3.51 -8.75
C GLY A 75 24.13 -4.96 -9.03
N GLY A 76 23.39 -5.56 -9.96
CA GLY A 76 23.58 -6.93 -10.39
C GLY A 76 24.93 -7.39 -10.94
N TYR A 77 25.74 -6.46 -11.43
CA TYR A 77 27.08 -6.80 -11.93
C TYR A 77 28.18 -6.24 -11.02
N GLY A 78 27.82 -5.84 -9.79
CA GLY A 78 28.82 -5.33 -8.84
C GLY A 78 28.97 -3.82 -8.80
N GLU A 79 28.05 -3.11 -9.43
CA GLU A 79 27.97 -1.63 -9.31
C GLU A 79 27.72 -1.29 -7.84
N GLN A 80 28.31 -0.21 -7.35
CA GLN A 80 28.13 0.24 -5.96
C GLN A 80 27.80 1.72 -5.90
N TYR A 81 26.77 2.08 -5.14
CA TYR A 81 26.35 3.48 -5.01
C TYR A 81 26.22 3.91 -3.54
N TRP A 82 26.57 5.17 -3.27
CA TRP A 82 26.49 5.76 -1.94
C TRP A 82 25.27 6.66 -1.85
N SER A 83 24.50 6.53 -0.76
CA SER A 83 23.39 7.45 -0.47
C SER A 83 23.32 7.73 1.03
N PRO A 84 23.64 8.97 1.45
CA PRO A 84 23.62 9.35 2.88
C PRO A 84 22.21 9.62 3.44
N ASP A 85 21.23 9.65 2.54
CA ASP A 85 19.93 10.30 2.80
C ASP A 85 18.74 9.48 2.32
N HIS A 86 18.80 8.18 2.59
CA HIS A 86 17.73 7.25 2.30
C HIS A 86 17.20 7.42 0.88
N TYR A 87 18.14 7.42 -0.06
CA TYR A 87 17.84 7.33 -1.51
C TYR A 87 17.39 8.66 -2.12
N ALA A 88 17.47 9.77 -1.38
CA ALA A 88 17.20 11.08 -1.98
C ALA A 88 18.27 11.45 -3.02
N THR A 89 19.51 11.06 -2.72
CA THR A 89 20.64 11.31 -3.61
C THR A 89 21.58 10.08 -3.65
N PHE A 90 22.23 9.91 -4.80
CA PHE A 90 23.23 8.83 -5.04
C PHE A 90 24.52 9.36 -5.67
N GLN A 91 25.64 8.75 -5.33
CA GLN A 91 26.91 8.90 -6.06
C GLN A 91 27.38 7.51 -6.42
N GLU A 92 27.99 7.35 -7.60
CA GLU A 92 28.64 6.06 -7.94
C GLU A 92 30.00 5.94 -7.27
N ILE A 93 30.19 4.84 -6.54
CA ILE A 93 31.44 4.59 -5.81
C ILE A 93 32.50 4.12 -6.82
N ASP A 94 33.58 4.91 -6.94
CA ASP A 94 34.73 4.57 -7.78
C ASP A 94 35.66 3.64 -7.01
N PRO A 95 35.72 2.35 -7.39
CA PRO A 95 36.55 1.42 -6.63
C PRO A 95 38.05 1.65 -6.80
N ARG A 96 38.45 2.57 -7.69
CA ARG A 96 39.87 2.78 -8.03
C ARG A 96 40.62 3.79 -7.16
N CYS A 97 39.92 4.59 -6.35
CA CYS A 97 40.60 5.64 -5.57
C CYS A 97 40.06 5.77 -4.15
N ALA B 1 -25.48 10.58 11.94
CA ALA B 1 -24.62 9.40 11.80
C ALA B 1 -24.15 9.01 13.18
N ASP B 2 -24.63 9.76 14.18
CA ASP B 2 -24.08 9.70 15.48
C ASP B 2 -24.10 8.26 16.00
N PRO B 3 -25.23 7.50 15.90
CA PRO B 3 -25.16 6.31 16.78
C PRO B 3 -24.03 5.35 16.43
N ALA B 4 -23.18 5.06 17.41
CA ALA B 4 -21.95 4.32 17.17
C ALA B 4 -22.23 2.88 16.77
N LEU B 5 -21.41 2.37 15.86
CA LEU B 5 -21.42 0.98 15.47
C LEU B 5 -20.20 0.28 16.01
N ALA B 6 -20.36 -1.00 16.30
CA ALA B 6 -19.22 -1.85 16.67
C ALA B 6 -18.28 -2.04 15.52
N ASP B 7 -16.97 -2.11 15.82
CA ASP B 7 -15.98 -2.48 14.83
C ASP B 7 -15.88 -3.99 14.85
N VAL B 8 -15.49 -4.58 13.72
CA VAL B 8 -15.09 -5.98 13.69
C VAL B 8 -13.83 -6.09 12.83
N CYS B 9 -12.81 -6.75 13.36
CA CYS B 9 -11.59 -7.02 12.59
C CYS B 9 -11.92 -7.94 11.41
N ARG B 10 -11.34 -7.62 10.25
CA ARG B 10 -11.60 -8.43 9.05
C ARG B 10 -11.30 -9.92 9.29
N THR B 11 -10.18 -10.19 9.95
CA THR B 11 -9.74 -11.58 10.22
C THR B 11 -10.68 -12.35 11.14
N LYS B 12 -11.54 -11.63 11.86
CA LYS B 12 -12.50 -12.23 12.81
C LYS B 12 -13.87 -12.46 12.17
N LEU B 13 -14.05 -12.00 10.94
CA LEU B 13 -15.27 -12.28 10.18
C LEU B 13 -15.31 -13.76 9.80
N PRO B 14 -16.51 -14.28 9.48
CA PRO B 14 -16.61 -15.63 8.91
C PRO B 14 -15.81 -15.74 7.60
N SER B 15 -15.35 -16.94 7.23
CA SER B 15 -14.49 -17.08 6.04
C SER B 15 -15.21 -16.62 4.78
N GLN B 16 -16.53 -16.85 4.75
CA GLN B 16 -17.39 -16.46 3.61
C GLN B 16 -17.52 -14.94 3.49
N ALA B 17 -17.61 -14.25 4.62
CA ALA B 17 -17.63 -12.79 4.58
C ALA B 17 -16.31 -12.27 4.02
N GLN B 18 -15.19 -12.85 4.45
CA GLN B 18 -13.88 -12.49 3.88
C GLN B 18 -13.79 -12.78 2.37
N ASP B 19 -14.36 -13.91 1.93
CA ASP B 19 -14.41 -14.25 0.50
C ASP B 19 -15.11 -13.14 -0.30
N THR B 20 -16.24 -12.68 0.23
CA THR B 20 -17.03 -11.61 -0.41
C THR B 20 -16.22 -10.30 -0.49
N LEU B 21 -15.49 -9.99 0.57
CA LEU B 21 -14.57 -8.83 0.56
C LEU B 21 -13.53 -8.96 -0.57
N ALA B 22 -12.99 -10.16 -0.73
CA ALA B 22 -12.02 -10.43 -1.81
C ALA B 22 -12.66 -10.32 -3.19
N LEU B 23 -13.88 -10.83 -3.35
CA LEU B 23 -14.62 -10.65 -4.60
C LEU B 23 -14.88 -9.18 -4.89
N ILE B 24 -15.29 -8.43 -3.86
CA ILE B 24 -15.49 -6.99 -4.02
C ILE B 24 -14.22 -6.32 -4.52
N ALA B 25 -13.09 -6.72 -3.93
CA ALA B 25 -11.80 -6.11 -4.29
C ALA B 25 -11.35 -6.46 -5.71
N LYS B 26 -11.75 -7.64 -6.20
CA LYS B 26 -11.54 -8.04 -7.61
C LYS B 26 -12.60 -7.51 -8.59
N ASN B 27 -13.62 -6.81 -8.10
CA ASN B 27 -14.78 -6.38 -8.91
C ASN B 27 -15.55 -7.54 -9.55
N GLY B 28 -15.82 -8.57 -8.75
CA GLY B 28 -16.53 -9.76 -9.19
C GLY B 28 -15.63 -10.74 -9.94
N PRO B 29 -16.18 -11.51 -10.88
CA PRO B 29 -17.62 -11.71 -11.09
C PRO B 29 -18.33 -12.20 -9.82
N TYR B 30 -19.60 -11.83 -9.66
CA TYR B 30 -20.34 -12.13 -8.45
C TYR B 30 -21.31 -13.27 -8.66
N PRO B 31 -21.54 -14.08 -7.62
CA PRO B 31 -22.43 -15.25 -7.77
C PRO B 31 -23.90 -14.90 -8.00
N TYR B 32 -24.36 -13.77 -7.47
CA TYR B 32 -25.76 -13.35 -7.62
C TYR B 32 -25.86 -12.08 -8.46
N ASN B 33 -26.96 -12.00 -9.22
CA ASN B 33 -27.27 -10.82 -10.04
C ASN B 33 -27.48 -9.55 -9.21
N ARG B 34 -27.99 -9.69 -7.99
CA ARG B 34 -28.25 -8.52 -7.12
C ARG B 34 -27.04 -8.09 -6.28
N ASP B 35 -25.92 -8.78 -6.41
CA ASP B 35 -24.67 -8.30 -5.84
C ASP B 35 -24.27 -7.00 -6.55
N GLY B 36 -24.05 -5.97 -5.76
CA GLY B 36 -23.68 -4.65 -6.27
C GLY B 36 -24.81 -3.66 -6.41
N VAL B 37 -26.05 -4.07 -6.16
CA VAL B 37 -27.17 -3.11 -6.23
C VAL B 37 -27.04 -2.08 -5.12
N VAL B 38 -27.66 -0.93 -5.34
CA VAL B 38 -27.56 0.18 -4.37
C VAL B 38 -28.31 -0.21 -3.12
N PHE B 39 -27.66 0.10 -1.98
CA PHE B 39 -28.25 0.01 -0.65
C PHE B 39 -28.74 1.40 -0.26
N GLU B 40 -30.05 1.56 -0.19
CA GLU B 40 -30.69 2.85 0.01
C GLU B 40 -30.50 3.42 1.43
N ASN B 41 -30.18 2.56 2.41
CA ASN B 41 -30.03 2.98 3.82
C ASN B 41 -31.35 3.64 4.31
N ARG B 42 -32.44 2.97 3.98
CA ARG B 42 -33.79 3.45 4.27
C ARG B 42 -34.08 3.59 5.76
N GLU B 43 -33.46 2.72 6.56
CA GLU B 43 -33.68 2.67 8.00
C GLU B 43 -32.73 3.58 8.79
N SER B 44 -31.87 4.32 8.09
CA SER B 44 -30.87 5.20 8.69
C SER B 44 -29.97 4.50 9.73
N ARG B 45 -29.69 3.22 9.51
CA ARG B 45 -28.80 2.47 10.40
C ARG B 45 -27.33 2.75 10.15
N LEU B 46 -27.01 3.18 8.93
CA LEU B 46 -25.70 3.67 8.55
C LEU B 46 -25.72 5.21 8.44
N PRO B 47 -24.54 5.86 8.52
CA PRO B 47 -24.53 7.34 8.37
C PRO B 47 -25.28 7.79 7.13
N LYS B 48 -26.05 8.86 7.26
CA LYS B 48 -26.75 9.45 6.13
C LYS B 48 -25.75 9.99 5.11
N LYS B 49 -25.86 9.52 3.88
CA LYS B 49 -24.97 9.94 2.79
C LYS B 49 -25.78 10.22 1.51
N GLY B 50 -25.11 10.69 0.46
CA GLY B 50 -25.76 10.99 -0.80
C GLY B 50 -26.33 9.76 -1.49
N ASN B 51 -27.20 10.00 -2.46
CA ASN B 51 -27.77 8.93 -3.27
C ASN B 51 -26.69 8.11 -4.00
N GLY B 52 -26.81 6.79 -3.92
CA GLY B 52 -25.85 5.86 -4.52
C GLY B 52 -24.52 5.59 -3.80
N TYR B 53 -24.36 6.18 -2.60
CA TYR B 53 -23.12 5.99 -1.81
C TYR B 53 -22.85 4.54 -1.39
N TYR B 54 -23.91 3.80 -1.10
CA TYR B 54 -23.80 2.45 -0.52
C TYR B 54 -24.27 1.40 -1.53
N HIS B 55 -23.60 0.26 -1.53
CA HIS B 55 -23.97 -0.90 -2.33
C HIS B 55 -23.91 -2.17 -1.47
N GLU B 56 -24.72 -3.14 -1.84
CA GLU B 56 -24.84 -4.39 -1.08
C GLU B 56 -24.40 -5.64 -1.84
N PHE B 57 -23.90 -6.63 -1.09
CA PHE B 57 -23.33 -7.85 -1.64
C PHE B 57 -23.67 -9.03 -0.75
N THR B 58 -23.98 -10.18 -1.36
CA THR B 58 -24.32 -11.38 -0.60
C THR B 58 -23.09 -12.05 0.00
N VAL B 59 -23.27 -12.56 1.22
CA VAL B 59 -22.29 -13.42 1.86
C VAL B 59 -22.97 -14.79 2.00
N VAL B 60 -22.28 -15.83 1.54
CA VAL B 60 -22.81 -17.19 1.54
C VAL B 60 -23.01 -17.67 2.97
N THR B 61 -24.14 -18.34 3.23
CA THR B 61 -24.35 -19.03 4.50
C THR B 61 -24.18 -20.53 4.28
N PRO B 62 -23.23 -21.16 5.01
CA PRO B 62 -23.01 -22.60 4.90
C PRO B 62 -23.92 -23.37 5.83
N ASP B 66 -32.17 -19.69 0.09
CA ASP B 66 -30.85 -20.25 -0.15
C ASP B 66 -29.78 -19.16 -0.21
N ARG B 67 -30.15 -17.97 -0.70
CA ARG B 67 -29.23 -16.83 -0.76
C ARG B 67 -28.86 -16.34 0.65
N GLY B 68 -29.83 -16.32 1.55
CA GLY B 68 -29.60 -16.09 2.98
C GLY B 68 -29.68 -14.63 3.43
N THR B 69 -29.28 -14.38 4.69
CA THR B 69 -29.41 -13.06 5.32
C THR B 69 -28.11 -12.27 5.42
N ARG B 70 -26.98 -12.92 5.18
CA ARG B 70 -25.67 -12.30 5.45
C ARG B 70 -25.29 -11.36 4.31
N ARG B 71 -24.77 -10.19 4.67
CA ARG B 71 -24.48 -9.18 3.65
C ARG B 71 -23.26 -8.39 4.03
N VAL B 72 -22.63 -7.81 3.01
CA VAL B 72 -21.64 -6.77 3.17
C VAL B 72 -22.21 -5.54 2.47
N VAL B 73 -22.06 -4.38 3.10
CA VAL B 73 -22.39 -3.13 2.43
C VAL B 73 -21.12 -2.29 2.33
N THR B 74 -20.86 -1.74 1.14
CA THR B 74 -19.73 -0.88 0.89
C THR B 74 -20.16 0.58 0.84
N GLY B 75 -19.26 1.48 1.20
CA GLY B 75 -19.50 2.91 1.06
C GLY B 75 -18.61 3.52 -0.01
N GLY B 76 -18.91 4.77 -0.36
CA GLY B 76 -18.29 5.46 -1.48
C GLY B 76 -16.82 5.77 -1.37
N TYR B 77 -16.25 5.66 -0.17
CA TYR B 77 -14.79 5.85 0.00
C TYR B 77 -14.06 4.55 0.43
N GLY B 78 -14.73 3.41 0.31
CA GLY B 78 -14.12 2.12 0.61
C GLY B 78 -14.42 1.60 2.00
N GLU B 79 -15.34 2.26 2.70
CA GLU B 79 -15.88 1.73 3.95
C GLU B 79 -16.54 0.40 3.64
N GLN B 80 -16.47 -0.53 4.58
CA GLN B 80 -17.10 -1.81 4.46
C GLN B 80 -17.77 -2.18 5.79
N TYR B 81 -19.02 -2.62 5.68
CA TYR B 81 -19.83 -2.97 6.84
C TYR B 81 -20.30 -4.38 6.71
N TRP B 82 -20.38 -5.07 7.85
CA TRP B 82 -20.84 -6.45 7.93
C TRP B 82 -22.24 -6.42 8.55
N SER B 83 -23.15 -7.17 7.94
CA SER B 83 -24.47 -7.41 8.50
C SER B 83 -24.82 -8.89 8.37
N PRO B 84 -24.85 -9.63 9.49
CA PRO B 84 -25.23 -11.05 9.47
C PRO B 84 -26.75 -11.32 9.40
N ASP B 85 -27.57 -10.28 9.55
CA ASP B 85 -29.01 -10.39 9.81
C ASP B 85 -29.86 -9.55 8.86
N HIS B 86 -29.47 -9.50 7.59
CA HIS B 86 -30.21 -8.76 6.58
C HIS B 86 -30.52 -7.32 7.00
N TYR B 87 -29.48 -6.62 7.45
CA TYR B 87 -29.49 -5.18 7.68
C TYR B 87 -30.18 -4.75 8.98
N ALA B 88 -30.46 -5.72 9.86
CA ALA B 88 -30.98 -5.43 11.19
C ALA B 88 -29.93 -4.69 12.02
N THR B 89 -28.68 -5.15 11.91
CA THR B 89 -27.53 -4.53 12.58
C THR B 89 -26.35 -4.45 11.62
N PHE B 90 -25.40 -3.56 11.93
CA PHE B 90 -24.18 -3.40 11.17
C PHE B 90 -22.98 -3.30 12.10
N GLN B 91 -21.86 -3.87 11.65
CA GLN B 91 -20.55 -3.71 12.27
C GLN B 91 -19.61 -3.15 11.20
N GLU B 92 -18.79 -2.18 11.57
CA GLU B 92 -17.88 -1.60 10.60
C GLU B 92 -16.60 -2.45 10.57
N ILE B 93 -16.25 -2.91 9.39
CA ILE B 93 -15.13 -3.82 9.23
C ILE B 93 -13.82 -3.04 9.25
N ASP B 94 -12.95 -3.41 10.20
CA ASP B 94 -11.64 -2.80 10.34
C ASP B 94 -10.67 -3.63 9.53
N PRO B 95 -10.15 -3.07 8.42
CA PRO B 95 -9.25 -3.86 7.57
C PRO B 95 -7.82 -3.99 8.12
N ARG B 96 -7.52 -3.32 9.24
CA ARG B 96 -6.15 -3.26 9.75
C ARG B 96 -5.82 -4.46 10.62
N CYS B 97 -6.82 -5.32 10.88
CA CYS B 97 -6.69 -6.38 11.88
C CYS B 97 -7.53 -7.61 11.56
N LEU C 5 2.85 0.54 10.63
CA LEU C 5 2.59 1.79 9.86
C LEU C 5 1.73 2.77 10.65
N ALA C 6 2.03 4.06 10.48
CA ALA C 6 1.17 5.12 11.03
C ALA C 6 -0.20 5.06 10.40
N ASP C 7 -1.21 5.46 11.16
CA ASP C 7 -2.56 5.54 10.65
C ASP C 7 -2.84 6.96 10.20
N VAL C 8 -3.74 7.06 9.22
CA VAL C 8 -4.25 8.34 8.76
C VAL C 8 -5.76 8.21 8.53
N CYS C 9 -6.52 9.11 9.14
CA CYS C 9 -7.96 9.17 8.91
C CYS C 9 -8.19 9.54 7.45
N ARG C 10 -9.09 8.80 6.79
CA ARG C 10 -9.44 9.07 5.42
C ARG C 10 -9.80 10.54 5.17
N THR C 11 -10.59 11.11 6.08
CA THR C 11 -11.03 12.51 5.94
C THR C 11 -9.88 13.53 6.08
N LYS C 12 -8.75 13.08 6.63
CA LYS C 12 -7.58 13.95 6.82
C LYS C 12 -6.61 13.92 5.64
N LEU C 13 -6.83 12.99 4.70
CA LEU C 13 -6.08 12.93 3.46
C LEU C 13 -6.37 14.12 2.54
N PRO C 14 -5.44 14.43 1.63
CA PRO C 14 -5.69 15.41 0.59
C PRO C 14 -6.93 15.09 -0.23
N SER C 15 -7.59 16.13 -0.73
CA SER C 15 -8.83 15.98 -1.51
C SER C 15 -8.62 15.10 -2.75
N GLN C 16 -7.43 15.18 -3.36
CA GLN C 16 -7.16 14.35 -4.53
C GLN C 16 -6.98 12.87 -4.17
N ALA C 17 -6.40 12.58 -3.02
CA ALA C 17 -6.29 11.20 -2.52
C ALA C 17 -7.68 10.62 -2.28
N GLN C 18 -8.53 11.42 -1.66
CA GLN C 18 -9.92 11.06 -1.42
C GLN C 18 -10.67 10.79 -2.73
N ASP C 19 -10.47 11.64 -3.74
CA ASP C 19 -11.04 11.40 -5.08
C ASP C 19 -10.61 10.04 -5.64
N THR C 20 -9.34 9.68 -5.43
CA THR C 20 -8.81 8.39 -5.92
C THR C 20 -9.42 7.22 -5.17
N LEU C 21 -9.61 7.34 -3.85
CA LEU C 21 -10.31 6.27 -3.08
C LEU C 21 -11.73 6.04 -3.59
N ALA C 22 -12.41 7.13 -3.91
CA ALA C 22 -13.75 7.08 -4.45
C ALA C 22 -13.72 6.38 -5.79
N LEU C 23 -12.73 6.72 -6.61
CA LEU C 23 -12.58 6.06 -7.92
C LEU C 23 -12.38 4.55 -7.77
N ILE C 24 -11.47 4.16 -6.89
CA ILE C 24 -11.24 2.75 -6.59
C ILE C 24 -12.52 2.02 -6.11
N ALA C 25 -13.30 2.68 -5.27
CA ALA C 25 -14.50 2.08 -4.69
C ALA C 25 -15.58 1.76 -5.71
N LYS C 26 -15.61 2.50 -6.80
CA LYS C 26 -16.52 2.18 -7.90
C LYS C 26 -15.86 1.50 -9.10
N ASN C 27 -14.64 1.03 -8.92
CA ASN C 27 -13.91 0.29 -9.94
C ASN C 27 -13.65 1.07 -11.21
N GLY C 28 -13.23 2.33 -11.01
CA GLY C 28 -12.84 3.21 -12.10
C GLY C 28 -14.01 3.87 -12.80
N PRO C 29 -13.83 4.24 -14.09
CA PRO C 29 -12.65 4.00 -14.94
C PRO C 29 -11.42 4.80 -14.51
N TYR C 30 -10.24 4.22 -14.67
CA TYR C 30 -9.02 4.84 -14.16
C TYR C 30 -8.31 5.66 -15.24
N PRO C 31 -7.93 6.90 -14.90
CA PRO C 31 -7.43 7.86 -15.90
C PRO C 31 -5.94 7.75 -16.31
N TYR C 32 -5.07 7.23 -15.45
CA TYR C 32 -3.63 7.28 -15.69
C TYR C 32 -3.03 5.93 -16.03
N ASN C 33 -2.03 5.97 -16.92
CA ASN C 33 -1.24 4.81 -17.30
C ASN C 33 -0.79 4.05 -16.05
N ARG C 34 -0.96 2.74 -16.08
CA ARG C 34 -0.63 1.84 -14.97
C ARG C 34 -1.44 1.98 -13.67
N ASP C 35 -2.52 2.75 -13.69
CA ASP C 35 -3.49 2.64 -12.60
C ASP C 35 -4.00 1.21 -12.58
N GLY C 36 -3.97 0.59 -11.41
CA GLY C 36 -4.55 -0.74 -11.25
C GLY C 36 -3.59 -1.90 -11.50
N VAL C 37 -2.34 -1.57 -11.80
CA VAL C 37 -1.32 -2.61 -11.90
C VAL C 37 -0.94 -3.14 -10.53
N VAL C 38 -0.32 -4.31 -10.51
CA VAL C 38 0.10 -4.84 -9.23
C VAL C 38 1.32 -4.08 -8.70
N PHE C 39 1.26 -3.77 -7.43
CA PHE C 39 2.35 -3.21 -6.67
C PHE C 39 3.11 -4.39 -6.11
N GLU C 40 4.36 -4.57 -6.55
CA GLU C 40 5.15 -5.75 -6.20
C GLU C 40 5.55 -5.85 -4.74
N ASN C 41 5.65 -4.72 -4.04
CA ASN C 41 6.07 -4.70 -2.65
C ASN C 41 7.44 -5.36 -2.43
N ARG C 42 8.34 -5.25 -3.40
CA ARG C 42 9.65 -5.87 -3.25
C ARG C 42 10.51 -5.25 -2.16
N GLU C 43 10.24 -3.98 -1.80
CA GLU C 43 10.96 -3.34 -0.72
C GLU C 43 10.37 -3.73 0.64
N SER C 44 9.32 -4.57 0.61
CA SER C 44 8.71 -5.13 1.83
C SER C 44 8.30 -4.07 2.87
N ARG C 45 7.73 -2.97 2.40
CA ARG C 45 7.26 -1.90 3.28
C ARG C 45 5.82 -2.10 3.73
N LEU C 46 5.08 -2.89 2.98
CA LEU C 46 3.73 -3.30 3.36
C LEU C 46 3.85 -4.73 3.81
N PRO C 47 2.86 -5.21 4.60
CA PRO C 47 2.81 -6.60 5.07
C PRO C 47 3.04 -7.60 3.94
N LYS C 48 3.86 -8.61 4.21
CA LYS C 48 4.19 -9.63 3.19
C LYS C 48 2.95 -10.39 2.80
N LYS C 49 2.68 -10.45 1.49
CA LYS C 49 1.51 -11.15 0.96
C LYS C 49 1.88 -11.91 -0.32
N GLY C 50 0.91 -12.64 -0.86
CA GLY C 50 1.09 -13.36 -2.11
C GLY C 50 1.30 -12.43 -3.30
N ASN C 51 1.90 -12.95 -4.37
CA ASN C 51 2.14 -12.17 -5.58
C ASN C 51 0.85 -11.50 -6.08
N GLY C 52 0.94 -10.23 -6.47
CA GLY C 52 -0.23 -9.51 -7.02
C GLY C 52 -1.37 -9.19 -6.06
N TYR C 53 -1.10 -9.22 -4.75
CA TYR C 53 -2.10 -8.93 -3.70
C TYR C 53 -2.47 -7.46 -3.69
N TYR C 54 -1.45 -6.64 -3.94
CA TYR C 54 -1.56 -5.19 -3.88
C TYR C 54 -1.68 -4.64 -5.27
N HIS C 55 -2.39 -3.52 -5.44
CA HIS C 55 -2.46 -2.79 -6.71
C HIS C 55 -2.22 -1.31 -6.42
N GLU C 56 -1.64 -0.58 -7.36
CA GLU C 56 -1.29 0.81 -7.12
C GLU C 56 -2.07 1.76 -8.04
N PHE C 57 -2.26 2.97 -7.56
CA PHE C 57 -3.01 4.01 -8.26
C PHE C 57 -2.37 5.39 -8.07
N THR C 58 -2.40 6.21 -9.11
CA THR C 58 -1.90 7.59 -9.02
C THR C 58 -2.91 8.56 -8.40
N VAL C 59 -2.42 9.44 -7.53
CA VAL C 59 -3.18 10.56 -6.97
C VAL C 59 -2.64 11.84 -7.59
N VAL C 60 -3.53 12.66 -8.13
CA VAL C 60 -3.14 13.91 -8.78
C VAL C 60 -2.43 14.86 -7.83
N THR C 61 -1.32 15.42 -8.29
CA THR C 61 -0.68 16.55 -7.62
C THR C 61 -0.85 17.77 -8.54
N PRO C 62 -1.64 18.77 -8.13
CA PRO C 62 -1.71 20.00 -8.94
C PRO C 62 -0.39 20.79 -8.86
N GLY C 63 0.17 21.29 -9.96
CA GLY C 63 -0.13 20.88 -11.33
C GLY C 63 1.19 20.40 -11.94
N SER C 64 1.46 19.11 -11.78
CA SER C 64 2.76 18.52 -12.11
C SER C 64 3.01 18.46 -13.62
N ARG C 67 2.39 13.41 -13.32
CA ARG C 67 2.01 12.17 -12.64
C ARG C 67 2.48 12.17 -11.16
N GLY C 68 3.63 12.81 -10.91
CA GLY C 68 4.06 13.14 -9.55
C GLY C 68 4.37 11.93 -8.67
N THR C 69 4.20 12.10 -7.36
CA THR C 69 4.65 11.08 -6.40
C THR C 69 3.57 10.51 -5.48
N ARG C 70 2.39 11.15 -5.45
CA ARG C 70 1.33 10.73 -4.54
C ARG C 70 0.71 9.45 -5.08
N ARG C 71 0.52 8.47 -4.20
CA ARG C 71 0.02 7.17 -4.60
C ARG C 71 -0.90 6.57 -3.54
N VAL C 72 -1.83 5.74 -4.00
CA VAL C 72 -2.61 4.86 -3.15
C VAL C 72 -2.31 3.44 -3.55
N VAL C 73 -2.18 2.56 -2.55
CA VAL C 73 -2.06 1.14 -2.75
C VAL C 73 -3.22 0.44 -2.05
N THR C 74 -3.87 -0.49 -2.76
CA THR C 74 -4.98 -1.25 -2.20
C THR C 74 -4.57 -2.70 -1.94
N GLY C 75 -5.26 -3.35 -1.02
CA GLY C 75 -5.03 -4.75 -0.72
C GLY C 75 -6.23 -5.58 -1.07
N GLY C 76 -6.03 -6.90 -1.06
CA GLY C 76 -7.05 -7.83 -1.57
C GLY C 76 -8.31 -8.04 -0.74
N TYR C 77 -8.33 -7.55 0.50
CA TYR C 77 -9.57 -7.53 1.30
C TYR C 77 -10.10 -6.12 1.55
N GLY C 78 -9.60 -5.16 0.76
CA GLY C 78 -10.09 -3.79 0.81
C GLY C 78 -9.24 -2.84 1.66
N GLU C 79 -8.03 -3.26 2.05
CA GLU C 79 -7.13 -2.38 2.77
C GLU C 79 -6.74 -1.23 1.85
N GLN C 80 -6.51 -0.05 2.40
CA GLN C 80 -6.06 1.10 1.61
C GLN C 80 -4.86 1.74 2.33
N TYR C 81 -3.82 2.07 1.56
CA TYR C 81 -2.62 2.67 2.06
C TYR C 81 -2.31 3.92 1.25
N TRP C 82 -1.86 4.96 1.95
CA TRP C 82 -1.46 6.23 1.34
C TRP C 82 0.06 6.38 1.35
N SER C 83 0.62 6.84 0.23
CA SER C 83 2.03 7.21 0.14
C SER C 83 2.17 8.57 -0.58
N PRO C 84 2.64 9.60 0.14
CA PRO C 84 2.86 10.91 -0.49
C PRO C 84 4.17 11.04 -1.27
N ASP C 85 5.02 10.02 -1.20
CA ASP C 85 6.40 10.12 -1.66
C ASP C 85 6.87 8.90 -2.47
N HIS C 86 5.98 8.36 -3.32
CA HIS C 86 6.34 7.36 -4.35
C HIS C 86 6.68 5.98 -3.78
N TYR C 87 5.86 5.55 -2.82
CA TYR C 87 6.02 4.27 -2.12
C TYR C 87 7.20 4.26 -1.16
N ALA C 88 7.78 5.43 -0.90
CA ALA C 88 8.90 5.55 0.04
C ALA C 88 8.42 5.25 1.45
N THR C 89 7.27 5.82 1.80
CA THR C 89 6.63 5.61 3.09
C THR C 89 5.14 5.34 2.87
N PHE C 90 4.53 4.61 3.80
CA PHE C 90 3.09 4.33 3.74
C PHE C 90 2.43 4.66 5.09
N GLN C 91 1.19 5.16 5.01
CA GLN C 91 0.29 5.26 6.15
C GLN C 91 -0.97 4.47 5.84
N GLU C 92 -1.45 3.69 6.80
CA GLU C 92 -2.63 2.87 6.57
C GLU C 92 -3.87 3.74 6.76
N ILE C 93 -4.76 3.73 5.77
CA ILE C 93 -5.90 4.64 5.78
C ILE C 93 -6.98 4.02 6.68
N ASP C 94 -7.41 4.78 7.67
CA ASP C 94 -8.46 4.39 8.60
C ASP C 94 -9.76 4.90 8.01
N PRO C 95 -10.60 3.98 7.51
CA PRO C 95 -11.79 4.43 6.80
C PRO C 95 -12.88 4.90 7.77
N ARG C 96 -12.70 4.67 9.08
CA ARG C 96 -13.70 5.03 10.08
C ARG C 96 -13.72 6.52 10.46
N CYS C 97 -12.72 7.31 10.03
CA CYS C 97 -12.59 8.68 10.54
C CYS C 97 -12.07 9.68 9.50
#